data_7XVN
#
_entry.id   7XVN
#
_cell.length_a   33.627
_cell.length_b   64.584
_cell.length_c   238.635
_cell.angle_alpha   90.000
_cell.angle_beta   90.000
_cell.angle_gamma   90.000
#
_symmetry.space_group_name_H-M   'P 21 21 21'
#
loop_
_entity.id
_entity.type
_entity.pdbx_description
1 polymer 'Nuclear receptor ROR-gamma'
2 polymer "DNA (5'-D(P*CP*AP*TP*GP*AP*CP*CP*TP*AP*CP*TP*GP*AP*CP*CP*TP*AP*G)-3')"
3 polymer "DNA (5'-D(P*CP*TP*AP*GP*GP*TP*CP*AP*GP*TP*AP*GP*GP*TP*CP*AP*TP*G)-3')"
4 non-polymer 'ZINC ION'
5 water water
#
loop_
_entity_poly.entity_id
_entity_poly.type
_entity_poly.pdbx_seq_one_letter_code
_entity_poly.pdbx_strand_id
1 'polypeptide(L)'
;MGSSHHHHHHSSGLVPRGSHMLEVLFQGPSQIEVIPCKICGDKSSGIHYGVITCEGCKGFFRRSQQCNVAYSCTRQQNCP
IDRTSRNRCQHCRLQKCLALGMSRDAVKFGRMSKKQRDSLHAE
;
A,B,C,D
2 'polydeoxyribonucleotide' (DC)(DA)(DT)(DG)(DA)(DC)(DC)(DT)(DA)(DC)(DT)(DG)(DA)(DC)(DC)(DT)(DA)(DG) N,E
3 'polydeoxyribonucleotide' (DC)(DT)(DA)(DG)(DG)(DT)(DC)(DA)(DG)(DT)(DA)(DG)(DG)(DT)(DC)(DA)(DT)(DG) P,F
#
# COMPACT_ATOMS: atom_id res chain seq x y z
N VAL A 34 -26.16 -12.04 1.05
CA VAL A 34 -27.14 -10.94 1.09
C VAL A 34 -26.81 -10.04 2.29
N ILE A 35 -26.07 -10.58 3.25
CA ILE A 35 -25.67 -9.84 4.45
C ILE A 35 -24.31 -9.20 4.21
N PRO A 36 -24.18 -7.88 4.39
CA PRO A 36 -22.88 -7.23 4.15
C PRO A 36 -21.81 -7.71 5.13
N CYS A 37 -20.58 -7.79 4.63
CA CYS A 37 -19.44 -8.14 5.47
C CYS A 37 -19.34 -7.17 6.63
N LYS A 38 -19.20 -7.71 7.84
CA LYS A 38 -19.07 -6.85 9.01
C LYS A 38 -17.79 -6.02 8.97
N ILE A 39 -16.78 -6.45 8.23
CA ILE A 39 -15.50 -5.74 8.17
C ILE A 39 -15.54 -4.62 7.14
N CYS A 40 -15.92 -4.94 5.91
CA CYS A 40 -15.81 -4.01 4.80
C CYS A 40 -17.12 -3.70 4.08
N GLY A 41 -18.21 -4.38 4.41
CA GLY A 41 -19.49 -4.14 3.78
C GLY A 41 -19.68 -4.85 2.46
N ASP A 42 -18.71 -5.62 1.99
CA ASP A 42 -18.89 -6.38 0.77
C ASP A 42 -19.84 -7.54 1.03
N LYS A 43 -20.24 -8.22 -0.05
CA LYS A 43 -21.11 -9.38 0.07
C LYS A 43 -20.41 -10.48 0.86
N SER A 44 -21.03 -10.91 1.95
CA SER A 44 -20.42 -11.97 2.75
C SER A 44 -20.74 -13.34 2.15
N SER A 45 -19.93 -14.34 2.54
CA SER A 45 -20.07 -15.69 2.03
C SER A 45 -20.28 -16.70 3.16
N GLY A 46 -20.63 -16.25 4.35
CA GLY A 46 -20.86 -17.12 5.48
C GLY A 46 -20.24 -16.54 6.73
N ILE A 47 -20.27 -17.34 7.80
CA ILE A 47 -19.66 -16.97 9.07
C ILE A 47 -18.28 -17.61 9.11
N HIS A 48 -17.25 -16.77 9.13
CA HIS A 48 -15.87 -17.24 9.08
C HIS A 48 -15.14 -16.77 10.33
N TYR A 49 -14.56 -17.71 11.06
CA TYR A 49 -13.92 -17.43 12.34
C TYR A 49 -14.87 -16.66 13.26
N GLY A 50 -16.14 -17.03 13.21
CA GLY A 50 -17.15 -16.49 14.10
C GLY A 50 -17.83 -15.24 13.61
N VAL A 51 -17.40 -14.64 12.51
CA VAL A 51 -17.92 -13.36 12.05
C VAL A 51 -18.36 -13.46 10.59
N ILE A 52 -19.49 -12.83 10.29
CA ILE A 52 -20.02 -12.75 8.94
C ILE A 52 -19.09 -11.89 8.09
N THR A 53 -18.36 -12.52 7.17
CA THR A 53 -17.33 -11.84 6.39
C THR A 53 -17.41 -12.26 4.93
N CYS A 54 -16.82 -11.43 4.06
CA CYS A 54 -16.68 -11.77 2.65
C CYS A 54 -15.48 -12.70 2.45
N GLU A 55 -15.32 -13.18 1.22
CA GLU A 55 -14.18 -14.06 0.93
C GLU A 55 -12.85 -13.34 1.15
N GLY A 56 -12.81 -12.03 0.91
CA GLY A 56 -11.56 -11.30 1.03
C GLY A 56 -11.08 -11.18 2.47
N CYS A 57 -11.96 -10.67 3.35
CA CYS A 57 -11.57 -10.53 4.74
C CYS A 57 -11.35 -11.89 5.41
N LYS A 58 -12.04 -12.93 4.93
CA LYS A 58 -11.83 -14.27 5.45
C LYS A 58 -10.42 -14.77 5.14
N GLY A 59 -9.99 -14.62 3.88
CA GLY A 59 -8.64 -15.05 3.53
C GLY A 59 -7.57 -14.13 4.09
N PHE A 60 -7.88 -12.83 4.23
CA PHE A 60 -6.93 -11.91 4.83
C PHE A 60 -6.67 -12.24 6.30
N PHE A 61 -7.73 -12.57 7.05
CA PHE A 61 -7.54 -12.89 8.46
C PHE A 61 -6.74 -14.17 8.64
N ARG A 62 -7.08 -15.22 7.88
CA ARG A 62 -6.33 -16.47 7.98
C ARG A 62 -4.85 -16.26 7.69
N ARG A 63 -4.52 -15.50 6.64
CA ARG A 63 -3.12 -15.24 6.33
C ARG A 63 -2.44 -14.46 7.44
N SER A 64 -3.18 -13.58 8.12
CA SER A 64 -2.59 -12.79 9.20
C SER A 64 -2.20 -13.66 10.39
N GLN A 65 -2.92 -14.77 10.61
CA GLN A 65 -2.62 -15.66 11.71
C GLN A 65 -1.58 -16.71 11.36
N GLN A 66 -1.34 -16.95 10.06
CA GLN A 66 -0.35 -17.94 9.65
C GLN A 66 1.07 -17.44 9.91
N CYS A 67 1.47 -16.41 9.17
CA CYS A 67 2.71 -15.65 9.40
C CYS A 67 3.91 -16.49 9.85
N VAL A 69 4.50 -11.70 11.60
CA VAL A 69 3.42 -10.87 11.08
C VAL A 69 3.56 -9.43 11.56
N ALA A 70 3.59 -8.50 10.62
CA ALA A 70 3.72 -7.09 10.93
C ALA A 70 2.74 -6.25 10.12
N TYR A 71 2.07 -5.31 10.79
CA TYR A 71 1.11 -4.45 10.14
C TYR A 71 1.20 -3.16 10.95
N SER A 72 1.56 -2.07 10.28
CA SER A 72 1.73 -0.77 10.90
C SER A 72 0.78 0.22 10.25
N CYS A 73 0.23 1.13 11.04
CA CYS A 73 -0.63 2.18 10.54
C CYS A 73 0.17 3.47 10.43
N THR A 74 0.16 4.06 9.24
CA THR A 74 0.82 5.34 9.02
C THR A 74 -0.05 6.53 9.41
N ARG A 75 -1.26 6.27 9.91
CA ARG A 75 -2.12 7.32 10.45
C ARG A 75 -2.44 7.01 11.91
N GLN A 76 -3.64 7.33 12.37
CA GLN A 76 -3.97 7.23 13.79
C GLN A 76 -4.73 5.95 14.13
N GLN A 77 -4.43 4.85 13.44
CA GLN A 77 -4.99 3.54 13.75
C GLN A 77 -6.52 3.55 13.75
N ASN A 78 -7.10 4.41 12.92
CA ASN A 78 -8.56 4.47 12.76
C ASN A 78 -9.26 4.44 11.40
N CYS A 79 -8.47 4.23 10.36
CA CYS A 79 -9.00 4.11 9.02
C CYS A 79 -10.30 3.40 8.68
N PRO A 80 -11.21 4.05 7.95
CA PRO A 80 -12.46 3.38 7.56
C PRO A 80 -12.17 2.18 6.66
N ILE A 81 -12.86 1.08 6.94
CA ILE A 81 -12.71 -0.15 6.18
C ILE A 81 -14.00 -0.35 5.39
N ASP A 82 -13.91 -0.12 4.07
CA ASP A 82 -15.02 -0.39 3.17
C ASP A 82 -14.49 -1.21 1.99
N ARG A 83 -15.39 -1.58 1.09
CA ARG A 83 -15.04 -2.50 0.00
C ARG A 83 -13.89 -1.95 -0.83
N THR A 84 -13.90 -0.65 -1.12
CA THR A 84 -12.86 -0.06 -1.97
C THR A 84 -11.57 0.20 -1.23
N SER A 85 -11.62 0.43 0.09
CA SER A 85 -10.46 0.90 0.83
C SER A 85 -9.81 -0.18 1.70
N ARG A 86 -10.27 -1.43 1.63
CA ARG A 86 -9.87 -2.41 2.62
C ARG A 86 -8.38 -2.77 2.54
N ASN A 87 -7.73 -2.57 1.39
CA ASN A 87 -6.33 -2.93 1.26
C ASN A 87 -5.39 -1.76 1.50
N ARG A 88 -5.90 -0.55 1.73
CA ARG A 88 -5.00 0.59 1.88
C ARG A 88 -4.26 0.55 3.22
N CYS A 89 -4.91 0.07 4.27
CA CYS A 89 -4.27 -0.10 5.57
C CYS A 89 -4.59 -1.48 6.11
N GLN A 90 -3.58 -2.35 6.17
CA GLN A 90 -3.76 -3.70 6.67
C GLN A 90 -3.85 -3.75 8.19
N HIS A 91 -3.18 -2.82 8.88
CA HIS A 91 -3.28 -2.78 10.34
C HIS A 91 -4.71 -2.55 10.77
N CYS A 92 -5.36 -1.52 10.21
CA CYS A 92 -6.74 -1.23 10.57
C CYS A 92 -7.71 -2.29 10.05
N ARG A 93 -7.33 -3.06 9.03
CA ARG A 93 -8.19 -4.15 8.59
C ARG A 93 -8.15 -5.31 9.57
N LEU A 94 -6.95 -5.77 9.92
CA LEU A 94 -6.83 -6.80 10.95
C LEU A 94 -7.33 -6.29 12.30
N GLN A 95 -7.12 -5.00 12.59
CA GLN A 95 -7.66 -4.43 13.82
C GLN A 95 -9.17 -4.58 13.87
N LYS A 96 -9.86 -4.27 12.78
CA LYS A 96 -11.31 -4.43 12.76
C LYS A 96 -11.71 -5.89 12.84
N CYS A 97 -10.95 -6.76 12.16
CA CYS A 97 -11.23 -8.20 12.22
C CYS A 97 -11.25 -8.69 13.67
N LEU A 98 -10.20 -8.38 14.43
CA LEU A 98 -10.16 -8.84 15.81
C LEU A 98 -11.17 -8.12 16.68
N ALA A 99 -11.41 -6.84 16.41
CA ALA A 99 -12.35 -6.07 17.22
C ALA A 99 -13.76 -6.67 17.15
N LEU A 100 -14.13 -7.22 16.00
CA LEU A 100 -15.42 -7.88 15.83
C LEU A 100 -15.44 -9.31 16.34
N GLY A 101 -14.31 -9.82 16.80
CA GLY A 101 -14.27 -11.15 17.40
C GLY A 101 -13.82 -12.28 16.50
N MET A 102 -13.25 -11.97 15.33
CA MET A 102 -12.71 -13.04 14.49
C MET A 102 -11.64 -13.80 15.26
N SER A 103 -11.78 -15.12 15.29
CA SER A 103 -10.86 -15.94 16.07
C SER A 103 -11.01 -17.39 15.62
N ARG A 104 -9.88 -18.11 15.62
CA ARG A 104 -9.93 -19.53 15.33
C ARG A 104 -10.69 -20.31 16.39
N ASP A 105 -10.93 -19.72 17.56
CA ASP A 105 -11.74 -20.38 18.59
C ASP A 105 -13.22 -20.20 18.39
N ALA A 106 -13.63 -19.27 17.53
CA ALA A 106 -15.04 -19.02 17.26
C ALA A 106 -15.58 -19.82 16.09
N VAL A 107 -14.79 -20.77 15.57
CA VAL A 107 -15.21 -21.56 14.42
C VAL A 107 -16.30 -22.53 14.81
N LYS A 108 -17.32 -22.65 13.96
CA LYS A 108 -18.39 -23.62 14.16
C LYS A 108 -18.81 -24.16 12.80
N PHE A 109 -18.71 -25.48 12.63
CA PHE A 109 -19.11 -26.13 11.39
C PHE A 109 -20.56 -26.59 11.45
N GLY A 110 -21.05 -27.12 10.33
CA GLY A 110 -22.37 -27.70 10.27
C GLY A 110 -23.46 -26.66 10.12
N ARG A 111 -24.68 -27.15 9.97
CA ARG A 111 -25.84 -26.27 9.95
C ARG A 111 -26.08 -25.69 11.35
N MET A 112 -26.97 -24.71 11.41
CA MET A 112 -27.28 -24.08 12.68
C MET A 112 -28.44 -24.79 13.35
N SER A 113 -28.51 -24.67 14.66
CA SER A 113 -29.44 -25.47 15.44
C SER A 113 -30.81 -24.81 15.52
N LYS A 114 -31.79 -25.61 15.97
CA LYS A 114 -33.14 -25.10 16.22
C LYS A 114 -33.11 -24.03 17.30
N LYS A 115 -32.30 -24.23 18.34
CA LYS A 115 -32.17 -23.27 19.44
C LYS A 115 -31.49 -21.97 19.02
N GLN A 116 -30.99 -21.89 17.79
CA GLN A 116 -30.42 -20.66 17.27
C GLN A 116 -31.31 -19.97 16.24
N ARG A 117 -32.40 -20.60 15.83
CA ARG A 117 -33.36 -19.96 14.93
C ARG A 117 -34.27 -19.01 15.70
N VAL B 34 -25.43 -32.72 29.37
CA VAL B 34 -25.49 -33.41 30.66
C VAL B 34 -24.27 -34.33 30.82
N ILE B 35 -24.16 -35.37 30.00
CA ILE B 35 -22.97 -36.20 29.98
C ILE B 35 -22.07 -35.72 28.84
N PRO B 36 -20.78 -35.47 29.08
CA PRO B 36 -19.91 -34.94 28.03
C PRO B 36 -19.36 -36.03 27.12
N CYS B 37 -19.15 -35.65 25.86
CA CYS B 37 -18.45 -36.51 24.91
C CYS B 37 -17.07 -36.86 25.45
N LYS B 38 -16.73 -38.15 25.42
CA LYS B 38 -15.42 -38.58 25.87
C LYS B 38 -14.30 -38.03 25.01
N ILE B 39 -14.60 -37.72 23.74
CA ILE B 39 -13.55 -37.32 22.80
C ILE B 39 -13.22 -35.84 22.95
N CYS B 40 -14.24 -34.98 22.91
CA CYS B 40 -14.02 -33.54 22.89
C CYS B 40 -14.68 -32.79 24.03
N GLY B 41 -15.56 -33.43 24.81
CA GLY B 41 -16.18 -32.78 25.94
C GLY B 41 -17.43 -31.98 25.63
N ASP B 42 -17.92 -32.02 24.40
CA ASP B 42 -19.17 -31.36 24.06
C ASP B 42 -20.34 -32.23 24.54
N LYS B 43 -21.55 -31.66 24.52
CA LYS B 43 -22.74 -32.41 24.88
C LYS B 43 -22.84 -33.70 24.06
N SER B 44 -22.86 -34.83 24.74
CA SER B 44 -22.99 -36.12 24.07
C SER B 44 -24.45 -36.40 23.70
N SER B 45 -24.63 -37.39 22.82
CA SER B 45 -25.95 -37.78 22.34
C SER B 45 -26.25 -39.27 22.49
N GLY B 46 -25.35 -40.03 23.09
CA GLY B 46 -25.55 -41.45 23.26
C GLY B 46 -24.22 -42.17 23.18
N ILE B 47 -24.29 -43.50 23.28
CA ILE B 47 -23.13 -44.36 23.13
C ILE B 47 -23.03 -44.73 21.66
N HIS B 48 -21.96 -44.27 21.01
CA HIS B 48 -21.75 -44.48 19.58
C HIS B 48 -20.45 -45.24 19.39
N TYR B 49 -20.52 -46.39 18.73
CA TYR B 49 -19.35 -47.23 18.48
C TYR B 49 -18.60 -47.54 19.77
N GLY B 50 -19.38 -47.78 20.84
CA GLY B 50 -18.83 -48.21 22.11
C GLY B 50 -18.51 -47.10 23.10
N VAL B 51 -18.50 -45.84 22.67
CA VAL B 51 -18.05 -44.73 23.51
C VAL B 51 -19.12 -43.63 23.51
N ILE B 52 -19.33 -43.01 24.66
CA ILE B 52 -20.22 -41.86 24.78
C ILE B 52 -19.62 -40.70 23.99
N THR B 53 -20.26 -40.33 22.89
CA THR B 53 -19.75 -39.27 22.04
C THR B 53 -20.86 -38.30 21.68
N CYS B 54 -20.46 -37.10 21.29
CA CYS B 54 -21.34 -36.12 20.68
C CYS B 54 -21.65 -36.51 19.24
N GLU B 55 -22.56 -35.78 18.62
CA GLU B 55 -22.93 -36.08 17.24
C GLU B 55 -21.78 -35.80 16.28
N GLY B 56 -20.93 -34.82 16.58
CA GLY B 56 -19.83 -34.51 15.69
C GLY B 56 -18.77 -35.60 15.67
N CYS B 57 -18.35 -36.05 16.85
CA CYS B 57 -17.35 -37.09 16.91
C CYS B 57 -17.91 -38.43 16.42
N LYS B 58 -19.22 -38.64 16.55
CA LYS B 58 -19.82 -39.86 16.03
C LYS B 58 -19.81 -39.85 14.50
N GLY B 59 -20.19 -38.72 13.90
CA GLY B 59 -20.17 -38.64 12.45
C GLY B 59 -18.76 -38.62 11.90
N PHE B 60 -17.86 -37.93 12.60
CA PHE B 60 -16.46 -37.90 12.16
C PHE B 60 -15.86 -39.30 12.16
N PHE B 61 -16.12 -40.08 13.21
CA PHE B 61 -15.52 -41.41 13.28
C PHE B 61 -16.10 -42.33 12.22
N ARG B 62 -17.41 -42.29 12.01
CA ARG B 62 -18.04 -43.12 10.99
C ARG B 62 -17.45 -42.83 9.62
N ARG B 63 -17.26 -41.55 9.29
CA ARG B 63 -16.67 -41.20 7.99
C ARG B 63 -15.23 -41.69 7.89
N SER B 64 -14.50 -41.71 9.01
CA SER B 64 -13.11 -42.16 8.95
C SER B 64 -13.01 -43.66 8.68
N GLN B 65 -13.97 -44.44 9.17
CA GLN B 65 -13.91 -45.89 9.04
C GLN B 65 -14.50 -46.40 7.75
N GLN B 66 -15.20 -45.57 6.98
CA GLN B 66 -15.77 -46.04 5.73
C GLN B 66 -14.75 -46.02 4.59
N CYS B 67 -13.78 -45.10 4.63
CA CYS B 67 -12.78 -44.98 3.58
C CYS B 67 -11.40 -45.46 3.98
N ASN B 68 -11.19 -45.85 5.24
CA ASN B 68 -9.87 -46.16 5.77
C ASN B 68 -8.93 -44.96 5.62
N VAL B 69 -9.35 -43.87 6.26
CA VAL B 69 -8.66 -42.58 6.33
C VAL B 69 -7.19 -42.70 6.71
N ALA B 70 -6.37 -41.74 6.27
CA ALA B 70 -5.01 -41.54 6.79
C ALA B 70 -4.76 -40.05 6.97
N TYR B 71 -4.70 -39.59 8.23
CA TYR B 71 -4.38 -38.21 8.56
C TYR B 71 -2.98 -38.09 9.13
N SER B 72 -2.40 -36.89 9.01
CA SER B 72 -1.08 -36.61 9.55
C SER B 72 -1.12 -35.38 10.44
N CYS B 73 -0.43 -35.45 11.57
CA CYS B 73 -0.36 -34.35 12.52
C CYS B 73 0.84 -33.48 12.20
N THR B 74 0.60 -32.19 11.95
CA THR B 74 1.67 -31.24 11.75
C THR B 74 2.39 -30.86 13.04
N ARG B 75 1.92 -31.37 14.19
CA ARG B 75 2.49 -30.96 15.47
C ARG B 75 3.03 -32.20 16.17
N GLN B 76 2.93 -32.24 17.50
CA GLN B 76 3.59 -33.25 18.30
C GLN B 76 2.84 -34.56 18.51
N GLN B 77 1.95 -34.93 17.58
CA GLN B 77 1.18 -36.17 17.64
C GLN B 77 0.32 -36.27 18.90
N ASN B 78 -0.02 -35.16 19.54
CA ASN B 78 -0.84 -35.18 20.76
C ASN B 78 -1.53 -33.85 21.08
N CYS B 79 -2.39 -33.40 20.21
CA CYS B 79 -3.06 -32.11 20.34
C CYS B 79 -4.36 -32.26 21.13
N PRO B 80 -4.58 -31.34 22.09
CA PRO B 80 -5.79 -31.37 22.93
C PRO B 80 -7.04 -31.33 22.06
N ILE B 81 -7.96 -32.23 22.35
CA ILE B 81 -9.22 -32.35 21.61
C ILE B 81 -10.32 -31.82 22.52
N ASP B 82 -10.71 -30.58 22.30
CA ASP B 82 -11.88 -29.98 22.94
C ASP B 82 -12.88 -29.56 21.86
N ARG B 83 -14.00 -28.97 22.28
CA ARG B 83 -15.09 -28.66 21.35
C ARG B 83 -14.67 -27.79 20.16
N THR B 84 -13.85 -26.77 20.41
CA THR B 84 -13.44 -25.85 19.36
C THR B 84 -12.11 -26.22 18.70
N SER B 85 -11.33 -27.11 19.31
CA SER B 85 -10.08 -27.52 18.69
C SER B 85 -10.19 -28.87 17.97
N ARG B 86 -11.33 -29.54 18.06
CA ARG B 86 -11.44 -30.91 17.55
C ARG B 86 -11.23 -30.97 16.04
N ASN B 87 -11.50 -29.88 15.33
CA ASN B 87 -11.35 -29.88 13.89
C ASN B 87 -9.98 -29.37 13.44
N ARG B 88 -9.12 -28.94 14.37
CA ARG B 88 -7.80 -28.42 13.99
C ARG B 88 -6.79 -29.52 13.70
N CYS B 89 -7.05 -30.76 14.11
CA CYS B 89 -6.14 -31.86 13.78
C CYS B 89 -7.11 -33.03 13.66
N GLN B 90 -7.21 -33.59 12.46
CA GLN B 90 -8.07 -34.74 12.25
C GLN B 90 -7.28 -35.96 12.71
N HIS B 91 -5.95 -35.92 12.60
CA HIS B 91 -5.15 -37.05 13.07
C HIS B 91 -5.37 -37.31 14.56
N CYS B 92 -5.22 -36.26 15.37
CA CYS B 92 -5.34 -36.45 16.81
C CYS B 92 -6.78 -36.68 17.23
N ARG B 93 -7.76 -36.20 16.46
CA ARG B 93 -9.15 -36.49 16.77
C ARG B 93 -9.44 -37.98 16.56
N LEU B 94 -9.04 -38.50 15.40
CA LEU B 94 -9.17 -39.94 15.15
C LEU B 94 -8.37 -40.73 16.18
N GLN B 95 -7.19 -40.24 16.53
CA GLN B 95 -6.37 -40.93 17.53
C GLN B 95 -7.09 -41.03 18.87
N LYS B 96 -7.73 -39.93 19.29
CA LYS B 96 -8.51 -39.95 20.53
C LYS B 96 -9.64 -40.96 20.46
N CYS B 97 -10.37 -40.98 19.34
CA CYS B 97 -11.44 -41.96 19.16
C CYS B 97 -10.93 -43.38 19.28
N LEU B 98 -9.84 -43.70 18.59
CA LEU B 98 -9.33 -45.07 18.60
C LEU B 98 -8.74 -45.46 19.95
N ALA B 99 -8.11 -44.51 20.63
CA ALA B 99 -7.46 -44.83 21.91
C ALA B 99 -8.48 -45.12 23.00
N LEU B 100 -9.63 -44.46 22.96
CA LEU B 100 -10.67 -44.64 23.96
C LEU B 100 -11.67 -45.72 23.57
N GLY B 101 -11.48 -46.41 22.45
CA GLY B 101 -12.18 -47.64 22.19
C GLY B 101 -13.27 -47.59 21.14
N MET B 102 -13.46 -46.48 20.45
CA MET B 102 -14.43 -46.45 19.36
C MET B 102 -14.02 -47.48 18.31
N SER B 103 -14.98 -48.31 17.92
CA SER B 103 -14.71 -49.35 16.94
C SER B 103 -15.98 -49.62 16.16
N ARG B 104 -15.82 -50.05 14.92
CA ARG B 104 -16.96 -50.31 14.08
C ARG B 104 -17.06 -51.79 13.74
N GLU E 33 16.89 16.40 -36.04
CA GLU E 33 18.19 15.76 -35.89
C GLU E 33 18.96 16.37 -34.72
N VAL E 34 19.51 17.56 -34.95
CA VAL E 34 20.12 18.39 -33.91
C VAL E 34 19.35 19.70 -33.93
N ILE E 35 18.25 19.74 -33.18
CA ILE E 35 17.28 20.84 -33.29
C ILE E 35 17.92 22.16 -32.87
N PRO E 36 17.70 23.26 -33.59
CA PRO E 36 18.35 24.52 -33.22
C PRO E 36 17.81 25.11 -31.93
N CYS E 37 18.66 25.86 -31.25
CA CYS E 37 18.26 26.62 -30.07
C CYS E 37 17.25 27.68 -30.45
N LYS E 38 16.16 27.75 -29.68
CA LYS E 38 15.08 28.67 -30.01
C LYS E 38 15.47 30.13 -29.86
N ILE E 39 16.55 30.42 -29.12
CA ILE E 39 16.93 31.80 -28.83
C ILE E 39 18.01 32.29 -29.79
N CYS E 40 19.04 31.49 -30.04
CA CYS E 40 20.17 31.91 -30.85
C CYS E 40 20.41 31.07 -32.08
N GLY E 41 19.73 29.93 -32.24
CA GLY E 41 19.90 29.10 -33.41
C GLY E 41 21.09 28.16 -33.37
N ASP E 42 21.90 28.20 -32.32
CA ASP E 42 23.01 27.27 -32.18
C ASP E 42 22.47 25.87 -31.86
N LYS E 43 23.38 24.89 -31.83
CA LYS E 43 23.00 23.52 -31.52
C LYS E 43 22.46 23.43 -30.09
N SER E 44 21.22 22.97 -29.96
CA SER E 44 20.61 22.85 -28.64
C SER E 44 21.13 21.61 -27.92
N SER E 45 21.00 21.63 -26.59
CA SER E 45 21.45 20.53 -25.73
C SER E 45 20.33 20.00 -24.85
N GLY E 46 19.07 20.31 -25.18
CA GLY E 46 17.93 19.83 -24.43
C GLY E 46 16.95 20.95 -24.16
N ILE E 47 15.96 20.65 -23.33
CA ILE E 47 14.94 21.61 -22.92
C ILE E 47 15.35 22.18 -21.57
N HIS E 48 15.64 23.47 -21.53
CA HIS E 48 16.08 24.13 -20.32
C HIS E 48 15.10 25.24 -19.97
N TYR E 49 14.62 25.23 -18.73
CA TYR E 49 13.62 26.19 -18.26
C TYR E 49 12.42 26.26 -19.20
N GLY E 50 12.10 25.13 -19.83
CA GLY E 50 10.91 25.01 -20.65
C GLY E 50 11.09 25.26 -22.13
N VAL E 51 12.29 25.62 -22.58
CA VAL E 51 12.53 25.97 -23.98
C VAL E 51 13.74 25.20 -24.49
N ILE E 52 13.67 24.77 -25.75
CA ILE E 52 14.81 24.13 -26.42
C ILE E 52 15.94 25.14 -26.53
N THR E 53 17.10 24.79 -25.96
CA THR E 53 18.09 25.80 -25.62
C THR E 53 19.50 25.21 -25.74
N CYS E 54 20.46 26.06 -26.12
CA CYS E 54 21.86 25.68 -26.17
C CYS E 54 22.49 25.84 -24.79
N GLU E 55 23.68 25.25 -24.62
CA GLU E 55 24.34 25.33 -23.33
C GLU E 55 24.64 26.77 -22.93
N GLY E 56 24.92 27.63 -23.91
CA GLY E 56 25.18 29.03 -23.61
C GLY E 56 23.95 29.76 -23.10
N CYS E 57 22.84 29.66 -23.82
CA CYS E 57 21.62 30.34 -23.40
C CYS E 57 21.07 29.75 -22.10
N LYS E 58 21.32 28.46 -21.86
CA LYS E 58 20.95 27.87 -20.57
C LYS E 58 21.71 28.54 -19.44
N GLY E 59 23.04 28.58 -19.53
CA GLY E 59 23.83 29.22 -18.48
C GLY E 59 23.59 30.72 -18.38
N PHE E 60 23.35 31.37 -19.52
CA PHE E 60 23.05 32.80 -19.48
C PHE E 60 21.76 33.07 -18.73
N PHE E 61 20.71 32.29 -19.01
CA PHE E 61 19.44 32.53 -18.35
C PHE E 61 19.53 32.25 -16.85
N ARG E 62 20.29 31.23 -16.47
CA ARG E 62 20.42 30.92 -15.05
C ARG E 62 21.15 32.03 -14.31
N ARG E 63 22.20 32.61 -14.93
CA ARG E 63 22.92 33.71 -14.29
C ARG E 63 22.11 34.99 -14.29
N SER E 64 21.21 35.17 -15.24
CA SER E 64 20.43 36.41 -15.25
C SER E 64 19.37 36.39 -14.15
N GLN E 65 18.80 35.21 -13.86
CA GLN E 65 17.77 35.11 -12.84
C GLN E 65 18.32 35.21 -11.43
N GLN E 66 19.64 35.19 -11.25
CA GLN E 66 20.18 35.33 -9.92
C GLN E 66 20.24 36.79 -9.47
N CYS E 67 20.50 37.71 -10.42
CA CYS E 67 20.55 39.17 -10.24
C CYS E 67 20.67 39.81 -11.59
N ALA E 70 20.02 45.20 -13.63
CA ALA E 70 19.43 45.86 -14.80
C ALA E 70 20.36 45.77 -16.00
N TYR E 71 19.97 44.98 -17.00
CA TYR E 71 20.74 44.88 -18.23
C TYR E 71 20.48 46.10 -19.12
N SER E 72 21.55 46.72 -19.60
CA SER E 72 21.45 47.91 -20.41
C SER E 72 21.57 47.55 -21.90
N CYS E 73 20.73 48.17 -22.71
CA CYS E 73 20.80 48.04 -24.16
C CYS E 73 21.27 49.36 -24.74
N THR E 74 22.34 49.32 -25.52
CA THR E 74 22.90 50.52 -26.12
C THR E 74 22.23 50.90 -27.44
N ARG E 75 21.12 50.25 -27.78
CA ARG E 75 20.43 50.54 -29.03
C ARG E 75 18.92 50.64 -28.77
N GLN E 76 18.12 50.34 -29.80
CA GLN E 76 16.67 50.45 -29.72
C GLN E 76 15.96 49.24 -29.11
N GLN E 77 16.68 48.40 -28.36
CA GLN E 77 16.11 47.27 -27.63
C GLN E 77 15.49 46.24 -28.57
N ASN E 78 16.09 46.07 -29.73
CA ASN E 78 15.62 45.07 -30.70
C ASN E 78 16.49 44.08 -31.44
N CYS E 79 17.72 44.00 -31.00
CA CYS E 79 18.77 43.24 -31.64
C CYS E 79 18.66 41.81 -32.18
N PRO E 80 19.45 41.46 -33.18
CA PRO E 80 19.54 40.07 -33.69
C PRO E 80 20.25 39.19 -32.68
N ILE E 81 19.52 38.18 -32.18
CA ILE E 81 20.13 37.17 -31.32
C ILE E 81 20.28 35.87 -32.09
N ASP E 82 21.43 35.70 -32.73
CA ASP E 82 21.81 34.46 -33.39
C ASP E 82 23.18 34.06 -32.87
N ARG E 83 23.71 32.96 -33.40
CA ARG E 83 24.95 32.40 -32.89
C ARG E 83 26.11 33.40 -32.94
N THR E 84 26.10 34.32 -33.90
CA THR E 84 27.21 35.26 -34.01
C THR E 84 27.10 36.38 -33.00
N SER E 85 25.88 36.80 -32.66
CA SER E 85 25.64 38.03 -31.91
C SER E 85 25.10 37.79 -30.50
N ARG E 86 25.25 36.57 -29.97
CA ARG E 86 24.69 36.24 -28.66
C ARG E 86 25.21 37.18 -27.57
N ASN E 87 26.49 37.50 -27.61
CA ASN E 87 27.14 38.20 -26.50
C ASN E 87 27.33 39.69 -26.75
N ARG E 88 26.93 40.19 -27.92
CA ARG E 88 27.01 41.63 -28.18
C ARG E 88 26.07 42.40 -27.26
N CYS E 89 24.92 41.81 -26.91
CA CYS E 89 23.96 42.45 -26.02
C CYS E 89 23.33 41.39 -25.16
N GLN E 90 23.34 41.62 -23.84
CA GLN E 90 22.70 40.69 -22.92
C GLN E 90 21.30 41.12 -22.51
N HIS E 91 20.95 42.37 -22.73
CA HIS E 91 19.60 42.83 -22.40
C HIS E 91 18.56 42.20 -23.32
N CYS E 92 18.76 42.34 -24.64
CA CYS E 92 17.84 41.77 -25.61
C CYS E 92 17.94 40.26 -25.71
N ARG E 93 19.04 39.67 -25.23
CA ARG E 93 19.11 38.22 -25.10
C ARG E 93 18.19 37.73 -24.00
N LEU E 94 18.28 38.34 -22.81
CA LEU E 94 17.36 38.00 -21.74
C LEU E 94 15.93 38.38 -22.11
N GLN E 95 15.76 39.48 -22.84
CA GLN E 95 14.44 39.86 -23.33
C GLN E 95 13.83 38.76 -24.18
N LYS E 96 14.64 38.14 -25.04
CA LYS E 96 14.15 37.07 -25.90
C LYS E 96 13.96 35.76 -25.15
N CYS E 97 14.76 35.51 -24.11
CA CYS E 97 14.54 34.33 -23.28
C CYS E 97 13.18 34.38 -22.62
N LEU E 98 12.82 35.52 -22.03
CA LEU E 98 11.51 35.64 -21.38
C LEU E 98 10.39 35.61 -22.41
N ALA E 99 10.59 36.27 -23.55
CA ALA E 99 9.54 36.35 -24.55
C ALA E 99 9.18 34.98 -25.10
N LEU E 100 10.17 34.09 -25.23
CA LEU E 100 9.92 32.76 -25.73
C LEU E 100 9.51 31.77 -24.64
N GLY E 101 9.46 32.22 -23.38
CA GLY E 101 8.84 31.47 -22.32
C GLY E 101 9.75 30.82 -21.29
N MET E 102 11.05 31.11 -21.29
CA MET E 102 11.94 30.51 -20.30
C MET E 102 11.54 30.97 -18.90
N SER E 103 11.39 30.00 -18.00
CA SER E 103 10.94 30.28 -16.64
C SER E 103 11.31 29.11 -15.73
N ARG E 104 11.63 29.43 -14.48
CA ARG E 104 11.88 28.39 -13.49
C ARG E 104 10.64 27.58 -13.18
N ASP E 105 9.45 28.10 -13.48
CA ASP E 105 8.22 27.35 -13.28
C ASP E 105 7.95 26.34 -14.39
N ALA E 106 8.67 26.42 -15.50
CA ALA E 106 8.47 25.51 -16.62
C ALA E 106 9.50 24.37 -16.64
N VAL E 107 10.24 24.17 -15.56
CA VAL E 107 11.29 23.16 -15.53
C VAL E 107 10.67 21.79 -15.28
N LYS E 108 11.07 20.81 -16.09
CA LYS E 108 10.64 19.43 -15.93
C LYS E 108 11.85 18.51 -16.02
N PHE E 109 12.02 17.64 -15.02
CA PHE E 109 13.09 16.65 -15.02
C PHE E 109 12.59 15.33 -15.59
N GLY E 110 13.54 14.43 -15.87
CA GLY E 110 13.22 13.13 -16.42
C GLY E 110 13.03 13.19 -17.92
N ARG E 111 12.54 12.08 -18.46
CA ARG E 111 12.30 11.93 -19.89
C ARG E 111 10.82 12.20 -20.20
N MET E 112 10.44 12.01 -21.46
CA MET E 112 9.08 12.32 -21.89
C MET E 112 8.07 11.34 -21.31
N SER E 113 6.82 11.79 -21.24
CA SER E 113 5.75 10.96 -20.71
C SER E 113 5.11 9.92 -21.63
N LYS E 114 4.67 10.33 -22.79
CA LYS E 114 4.15 9.37 -23.76
C LYS E 114 3.26 8.35 -23.10
N LYS E 115 2.49 8.75 -22.11
CA LYS E 115 1.60 7.81 -21.48
C LYS E 115 0.80 8.63 -20.50
N VAL F 34 -7.49 10.27 -10.95
CA VAL F 34 -7.09 9.58 -9.73
C VAL F 34 -7.24 10.50 -8.52
N ILE F 35 -6.14 10.73 -7.81
CA ILE F 35 -6.15 11.52 -6.58
C ILE F 35 -4.80 12.23 -6.48
N PRO F 36 -4.76 13.48 -6.04
CA PRO F 36 -3.50 14.24 -6.04
C PRO F 36 -2.50 13.72 -5.02
N CYS F 37 -1.22 13.79 -5.41
CA CYS F 37 -0.13 13.43 -4.51
C CYS F 37 -0.11 14.33 -3.29
N LYS F 38 0.08 13.73 -2.12
CA LYS F 38 -0.02 14.49 -0.87
C LYS F 38 1.17 15.41 -0.65
N ILE F 39 2.28 15.19 -1.35
CA ILE F 39 3.50 15.95 -1.11
C ILE F 39 3.50 17.19 -1.99
N CYS F 40 3.36 17.02 -3.30
CA CYS F 40 3.48 18.13 -4.24
C CYS F 40 2.22 18.46 -4.99
N GLY F 41 1.23 17.56 -5.05
CA GLY F 41 0.01 17.82 -5.78
C GLY F 41 0.00 17.34 -7.22
N ASP F 42 1.05 16.65 -7.65
CA ASP F 42 1.09 16.07 -8.98
C ASP F 42 0.17 14.84 -9.03
N LYS F 43 0.04 14.26 -10.23
CA LYS F 43 -0.73 13.03 -10.37
C LYS F 43 -0.08 11.91 -9.58
N SER F 44 -0.83 11.30 -8.67
CA SER F 44 -0.29 10.21 -7.88
C SER F 44 -0.27 8.93 -8.70
N SER F 45 0.58 7.98 -8.29
CA SER F 45 0.69 6.69 -8.93
C SER F 45 0.39 5.53 -8.00
N GLY F 46 0.11 5.79 -6.74
CA GLY F 46 -0.22 4.74 -5.80
C GLY F 46 0.25 5.10 -4.40
N ILE F 47 0.04 4.17 -3.49
CA ILE F 47 0.44 4.33 -2.10
C ILE F 47 1.90 3.87 -2.00
N HIS F 48 2.81 4.83 -1.79
CA HIS F 48 4.23 4.55 -1.75
C HIS F 48 4.76 4.92 -0.37
N TYR F 49 5.33 3.92 0.32
CA TYR F 49 5.89 4.11 1.66
C TYR F 49 4.86 4.68 2.63
N GLY F 50 3.59 4.32 2.42
CA GLY F 50 2.52 4.70 3.32
C GLY F 50 1.69 5.89 2.88
N VAL F 51 2.14 6.65 1.89
CA VAL F 51 1.46 7.87 1.47
C VAL F 51 1.14 7.79 -0.01
N ILE F 52 -0.02 8.31 -0.38
CA ILE F 52 -0.38 8.47 -1.79
C ILE F 52 0.55 9.52 -2.40
N THR F 53 1.47 9.08 -3.25
CA THR F 53 2.46 9.98 -3.82
C THR F 53 2.54 9.80 -5.33
N CYS F 54 3.15 10.79 -5.98
CA CYS F 54 3.52 10.67 -7.38
C CYS F 54 4.83 9.89 -7.51
N GLU F 55 5.19 9.55 -8.74
CA GLU F 55 6.41 8.79 -8.95
C GLU F 55 7.65 9.62 -8.60
N GLY F 56 7.56 10.94 -8.73
CA GLY F 56 8.69 11.78 -8.36
C GLY F 56 8.99 11.74 -6.88
N CYS F 57 7.98 12.03 -6.05
CA CYS F 57 8.20 12.03 -4.60
C CYS F 57 8.57 10.66 -4.09
N LYS F 58 8.05 9.61 -4.73
CA LYS F 58 8.36 8.25 -4.28
C LYS F 58 9.83 7.90 -4.54
N GLY F 59 10.34 8.24 -5.73
CA GLY F 59 11.75 8.03 -6.00
C GLY F 59 12.65 8.91 -5.15
N PHE F 60 12.23 10.16 -4.94
CA PHE F 60 13.02 11.08 -4.11
C PHE F 60 13.11 10.58 -2.67
N PHE F 61 11.98 10.17 -2.08
CA PHE F 61 12.01 9.74 -0.69
C PHE F 61 12.84 8.47 -0.54
N ARG F 62 12.73 7.55 -1.50
CA ARG F 62 13.55 6.34 -1.45
C ARG F 62 15.03 6.68 -1.49
N ARG F 63 15.42 7.68 -2.30
CA ARG F 63 16.82 8.08 -2.36
C ARG F 63 17.25 8.82 -1.11
N SER F 64 16.31 9.50 -0.44
CA SER F 64 16.64 10.24 0.79
C SER F 64 17.14 9.32 1.89
N GLN F 65 16.64 8.09 1.95
CA GLN F 65 17.01 7.17 3.02
C GLN F 65 18.33 6.45 2.77
N GLN F 66 18.99 6.68 1.65
CA GLN F 66 20.30 6.08 1.39
C GLN F 66 21.41 6.85 2.09
N VAL F 69 23.20 10.39 2.90
CA VAL F 69 23.03 11.69 2.26
C VAL F 69 22.44 12.69 3.25
N ALA F 70 22.61 13.98 2.97
CA ALA F 70 22.19 15.03 3.90
C ALA F 70 21.77 16.27 3.10
N TYR F 71 20.55 16.72 3.30
CA TYR F 71 20.02 17.92 2.69
C TYR F 71 19.97 19.05 3.71
N SER F 72 20.19 20.27 3.24
CA SER F 72 20.06 21.46 4.08
C SER F 72 19.31 22.53 3.30
N CYS F 73 18.56 23.36 4.02
CA CYS F 73 17.75 24.41 3.42
C CYS F 73 18.52 25.72 3.41
N THR F 74 18.63 26.32 2.22
CA THR F 74 19.29 27.62 2.09
C THR F 74 18.43 28.76 2.59
N ARG F 75 17.15 28.50 2.91
CA ARG F 75 16.25 29.57 3.34
C ARG F 75 15.56 29.20 4.65
N GLN F 76 14.35 29.72 4.86
CA GLN F 76 13.68 29.71 6.15
C GLN F 76 13.13 28.37 6.62
N GLN F 77 13.52 27.25 6.00
CA GLN F 77 13.05 25.91 6.37
C GLN F 77 11.54 25.76 6.20
N ASN F 78 10.92 26.59 5.37
CA ASN F 78 9.50 26.47 5.07
C ASN F 78 9.44 26.94 3.62
N CYS F 79 9.24 26.00 2.70
CA CYS F 79 9.25 26.30 1.27
C CYS F 79 8.01 25.64 0.69
N PRO F 80 7.21 26.36 -0.09
CA PRO F 80 6.06 25.73 -0.75
C PRO F 80 6.50 24.57 -1.62
N ILE F 81 5.81 23.44 -1.48
CA ILE F 81 6.13 22.23 -2.24
C ILE F 81 5.00 21.94 -3.22
N ASP F 82 5.16 22.37 -4.46
CA ASP F 82 4.27 21.99 -5.54
C ASP F 82 5.07 21.32 -6.65
N ARG F 83 4.39 21.02 -7.73
CA ARG F 83 4.95 20.37 -8.89
C ARG F 83 6.10 21.10 -9.49
N THR F 84 6.00 22.40 -9.54
CA THR F 84 7.00 23.26 -10.14
C THR F 84 8.14 23.59 -9.20
N SER F 85 7.92 23.52 -7.89
CA SER F 85 8.91 23.95 -6.90
C SER F 85 9.44 22.82 -6.03
N ARG F 86 8.95 21.59 -6.21
CA ARG F 86 9.36 20.48 -5.35
C ARG F 86 10.85 20.19 -5.45
N ASN F 87 11.49 20.51 -6.57
CA ASN F 87 12.90 20.22 -6.74
C ASN F 87 13.80 21.36 -6.27
N ARG F 88 13.26 22.53 -5.95
CA ARG F 88 14.09 23.67 -5.61
C ARG F 88 14.59 23.65 -4.16
N CYS F 89 14.15 22.69 -3.34
CA CYS F 89 14.70 22.55 -2.00
C CYS F 89 14.45 21.07 -1.67
N GLN F 90 15.53 20.34 -1.39
CA GLN F 90 15.40 18.91 -1.13
C GLN F 90 15.08 18.75 0.34
N HIS F 91 15.65 19.59 1.21
CA HIS F 91 15.40 19.47 2.64
C HIS F 91 13.93 19.65 2.96
N CYS F 92 13.30 20.68 2.39
CA CYS F 92 11.89 20.94 2.70
C CYS F 92 10.96 19.91 2.09
N ARG F 93 11.38 19.26 1.00
CA ARG F 93 10.54 18.24 0.38
C ARG F 93 10.59 16.95 1.20
N LEU F 94 11.76 16.59 1.70
CA LEU F 94 11.86 15.44 2.59
C LEU F 94 11.04 15.65 3.86
N GLN F 95 11.20 16.81 4.50
CA GLN F 95 10.43 17.08 5.70
C GLN F 95 8.93 17.12 5.42
N LYS F 96 8.54 17.47 4.20
CA LYS F 96 7.14 17.31 3.82
C LYS F 96 6.77 15.82 3.73
N CYS F 97 7.66 15.01 3.14
CA CYS F 97 7.44 13.56 3.12
C CYS F 97 7.37 13.01 4.53
N LEU F 98 8.27 13.46 5.41
CA LEU F 98 8.27 12.98 6.79
C LEU F 98 6.99 13.38 7.51
N ALA F 99 6.63 14.66 7.40
CA ALA F 99 5.49 15.20 8.16
C ALA F 99 4.20 14.49 7.82
N LEU F 100 4.05 14.02 6.59
CA LEU F 100 2.82 13.38 6.15
C LEU F 100 2.89 11.86 6.19
N GLY F 101 3.95 11.29 6.77
CA GLY F 101 3.95 9.90 7.13
C GLY F 101 4.73 8.95 6.26
N MET F 102 5.54 9.45 5.32
CA MET F 102 6.37 8.54 4.53
C MET F 102 7.43 7.91 5.41
N SER F 103 7.59 6.59 5.29
CA SER F 103 8.53 5.86 6.13
C SER F 103 8.86 4.55 5.43
N ARG F 104 10.00 3.98 5.79
CA ARG F 104 10.41 2.70 5.25
C ARG F 104 10.29 1.60 6.31
#